data_6C7Q
#
_entry.id   6C7Q
#
_cell.length_a   52.176
_cell.length_b   72.647
_cell.length_c   32.222
_cell.angle_alpha   90.000
_cell.angle_beta   90.000
_cell.angle_gamma   90.000
#
_symmetry.space_group_name_H-M   'P 21 21 2'
#
loop_
_entity.id
_entity.type
_entity.pdbx_description
1 polymer 'Bromodomain-containing protein 4'
2 non-polymer 7-(3,5-dimethyl-1,2-oxazol-4-yl)-6-methoxy-2-methyl-N-(1-methyl-1H-indazol-3-yl)-9H-pyrimido[4,5-b]indol-4-amine
3 water water
#
_entity_poly.entity_id   1
_entity_poly.type   'polypeptide(L)'
_entity_poly.pdbx_seq_one_letter_code
;SNAKDVPDSQQHPAPEKSSKVSEQLK(CME)CSGILKEMFAKKHAAYAWPFYKPVDVEALGLHDY(CME)DIIKHPMDMS
TIKSKLEAREYRDAQEFGADVRLMFSNCYKYNPPDHEVVAMARKLQDVFEMRFAKMPDE
;
_entity_poly.pdbx_strand_id   A
#
loop_
_chem_comp.id
_chem_comp.type
_chem_comp.name
_chem_comp.formula
EO1 non-polymer 7-(3,5-dimethyl-1,2-oxazol-4-yl)-6-methoxy-2-methyl-N-(1-methyl-1H-indazol-3-yl)-9H-pyrimido[4,5-b]indol-4-amine 'C25 H23 N7 O2'
#
# COMPACT_ATOMS: atom_id res chain seq x y z
N LYS A 20 -0.71 23.13 -6.43
CA LYS A 20 -0.04 22.23 -5.50
C LYS A 20 -0.76 20.88 -5.36
N VAL A 21 -2.08 20.88 -5.06
CA VAL A 21 -2.87 19.66 -4.82
C VAL A 21 -2.94 18.77 -6.08
N SER A 22 -3.25 19.34 -7.25
CA SER A 22 -3.32 18.59 -8.50
C SER A 22 -1.96 17.93 -8.80
N GLU A 23 -0.84 18.67 -8.60
CA GLU A 23 0.52 18.14 -8.80
C GLU A 23 0.77 17.03 -7.78
N GLN A 24 0.36 17.22 -6.51
CA GLN A 24 0.57 16.18 -5.52
C GLN A 24 -0.16 14.91 -5.92
N LEU A 25 -1.42 15.02 -6.37
CA LEU A 25 -2.18 13.82 -6.73
C LEU A 25 -1.63 13.11 -7.98
N LYS A 26 -1.02 13.87 -8.93
CA LYS A 26 -0.34 13.22 -10.08
C LYS A 26 0.88 12.45 -9.54
N CME A 27 1.61 13.04 -8.55
CA CME A 27 2.75 12.29 -7.97
CB CME A 27 3.53 13.24 -7.08
SG CME A 27 4.80 12.36 -6.08
SD CME A 27 6.04 11.58 -7.46
CE CME A 27 7.37 12.83 -7.44
CZ CME A 27 8.74 12.25 -7.86
OH CME A 27 8.55 11.23 -8.88
C CME A 27 2.26 10.99 -7.27
O CME A 27 2.84 9.93 -7.47
N CYS A 28 1.15 11.07 -6.53
CA CYS A 28 0.59 9.88 -5.88
C CYS A 28 0.20 8.83 -6.90
N SER A 29 -0.46 9.27 -8.01
CA SER A 29 -0.83 8.31 -9.06
C SER A 29 0.42 7.67 -9.71
N GLY A 30 1.49 8.46 -9.89
CA GLY A 30 2.73 7.96 -10.46
C GLY A 30 3.36 6.91 -9.57
N ILE A 31 3.43 7.21 -8.26
CA ILE A 31 3.98 6.27 -7.29
C ILE A 31 3.20 4.96 -7.30
N LEU A 32 1.86 5.03 -7.26
CA LEU A 32 1.07 3.79 -7.25
C LEU A 32 1.25 3.00 -8.55
N LYS A 33 1.33 3.71 -9.72
CA LYS A 33 1.57 3.02 -10.98
C LYS A 33 2.93 2.29 -10.92
N GLU A 34 3.96 2.95 -10.36
CA GLU A 34 5.26 2.27 -10.22
C GLU A 34 5.14 1.05 -9.30
N MET A 35 4.37 1.16 -8.20
CA MET A 35 4.24 0.03 -7.27
C MET A 35 3.57 -1.19 -7.96
N PHE A 36 2.76 -0.95 -9.02
CA PHE A 36 2.13 -2.01 -9.81
C PHE A 36 3.01 -2.48 -11.00
N ALA A 37 4.19 -1.83 -11.22
CA ALA A 37 5.04 -2.14 -12.37
C ALA A 37 5.69 -3.52 -12.27
N LYS A 38 5.94 -4.14 -13.43
CA LYS A 38 6.53 -5.49 -13.46
C LYS A 38 7.88 -5.55 -12.73
N LYS A 39 8.68 -4.46 -12.75
CA LYS A 39 9.98 -4.45 -12.09
C LYS A 39 9.91 -4.71 -10.59
N HIS A 40 8.76 -4.40 -9.95
CA HIS A 40 8.59 -4.61 -8.51
C HIS A 40 7.69 -5.79 -8.17
N ALA A 41 7.20 -6.50 -9.20
CA ALA A 41 6.17 -7.52 -9.00
C ALA A 41 6.56 -8.67 -8.14
N ALA A 42 7.86 -9.02 -8.09
CA ALA A 42 8.24 -10.16 -7.29
C ALA A 42 8.03 -9.97 -5.79
N TYR A 43 8.01 -8.71 -5.31
CA TYR A 43 7.73 -8.41 -3.90
C TYR A 43 6.43 -7.63 -3.71
N ALA A 44 5.86 -7.01 -4.77
CA ALA A 44 4.63 -6.23 -4.60
C ALA A 44 3.35 -7.06 -4.69
N TRP A 45 3.40 -8.21 -5.38
CA TRP A 45 2.18 -8.96 -5.67
C TRP A 45 1.30 -9.28 -4.46
N PRO A 46 1.78 -9.56 -3.23
CA PRO A 46 0.83 -9.86 -2.14
C PRO A 46 -0.06 -8.68 -1.76
N PHE A 47 0.32 -7.47 -2.21
CA PHE A 47 -0.37 -6.23 -1.82
C PHE A 47 -1.31 -5.74 -2.92
N TYR A 48 -1.38 -6.44 -4.06
CA TYR A 48 -2.19 -5.95 -5.17
C TYR A 48 -3.68 -5.91 -4.89
N LYS A 49 -4.20 -6.89 -4.15
CA LYS A 49 -5.63 -7.03 -3.96
C LYS A 49 -5.97 -7.23 -2.48
N PRO A 50 -7.24 -7.03 -2.07
CA PRO A 50 -7.61 -7.30 -0.67
C PRO A 50 -7.16 -8.70 -0.22
N VAL A 51 -6.72 -8.81 1.02
CA VAL A 51 -6.34 -10.10 1.59
C VAL A 51 -7.57 -11.01 1.53
N ASP A 52 -7.42 -12.18 0.87
CA ASP A 52 -8.52 -13.13 0.74
C ASP A 52 -8.45 -14.07 1.95
N VAL A 53 -9.12 -13.68 3.04
CA VAL A 53 -9.06 -14.40 4.31
C VAL A 53 -9.53 -15.85 4.17
N GLU A 54 -10.62 -16.07 3.41
CA GLU A 54 -11.15 -17.42 3.18
C GLU A 54 -10.17 -18.30 2.37
N ALA A 55 -9.60 -17.78 1.25
CA ALA A 55 -8.65 -18.55 0.42
C ALA A 55 -7.35 -18.89 1.12
N LEU A 56 -6.84 -17.97 1.96
CA LEU A 56 -5.56 -18.19 2.65
C LEU A 56 -5.69 -18.89 4.02
N GLY A 57 -6.93 -19.09 4.48
CA GLY A 57 -7.22 -19.70 5.77
C GLY A 57 -6.79 -18.87 6.96
N LEU A 58 -6.91 -17.55 6.82
CA LEU A 58 -6.47 -16.60 7.87
C LEU A 58 -7.67 -16.25 8.75
N HIS A 59 -8.12 -17.21 9.54
CA HIS A 59 -9.33 -17.09 10.35
C HIS A 59 -9.26 -16.07 11.47
N ASP A 60 -8.04 -15.58 11.80
CA ASP A 60 -7.85 -14.55 12.82
C ASP A 60 -7.58 -13.16 12.21
N TYR A 61 -7.49 -13.06 10.86
CA TYR A 61 -7.15 -11.79 10.23
C TYR A 61 -8.05 -10.64 10.63
N CME A 62 -9.37 -10.82 10.54
CA CME A 62 -10.33 -9.76 10.85
CB CME A 62 -11.77 -10.00 10.30
SG CME A 62 -11.58 -10.08 8.48
SD CME A 62 -10.89 -8.19 7.94
CE CME A 62 -12.34 -7.10 8.28
CZ CME A 62 -11.99 -6.01 9.30
OH CME A 62 -12.00 -6.47 10.67
C CME A 62 -10.41 -9.42 12.34
O CME A 62 -10.95 -8.37 12.71
N ASP A 63 -9.90 -10.32 13.22
CA ASP A 63 -9.86 -10.03 14.64
C ASP A 63 -8.69 -9.11 14.99
N ILE A 64 -7.63 -9.18 14.15
CA ILE A 64 -6.40 -8.43 14.34
C ILE A 64 -6.41 -7.12 13.55
N ILE A 65 -6.90 -7.16 12.30
CA ILE A 65 -6.89 -6.01 11.40
C ILE A 65 -8.27 -5.39 11.30
N LYS A 66 -8.45 -4.19 11.83
CA LYS A 66 -9.75 -3.52 11.79
C LYS A 66 -9.95 -2.79 10.48
N HIS A 67 -8.85 -2.34 9.81
CA HIS A 67 -9.00 -1.52 8.62
C HIS A 67 -8.14 -2.09 7.49
N PRO A 68 -8.65 -3.09 6.76
CA PRO A 68 -7.85 -3.68 5.67
C PRO A 68 -7.59 -2.64 4.59
N MET A 69 -6.45 -2.79 3.91
CA MET A 69 -6.12 -1.89 2.81
C MET A 69 -5.23 -2.62 1.84
N ASP A 70 -5.31 -2.26 0.53
CA ASP A 70 -4.55 -2.93 -0.51
C ASP A 70 -4.39 -1.95 -1.68
N MET A 71 -3.52 -2.27 -2.64
CA MET A 71 -3.22 -1.37 -3.75
C MET A 71 -4.39 -1.13 -4.69
N SER A 72 -5.25 -2.15 -4.91
CA SER A 72 -6.39 -1.96 -5.82
C SER A 72 -7.41 -1.02 -5.20
N THR A 73 -7.62 -1.12 -3.87
CA THR A 73 -8.52 -0.21 -3.19
C THR A 73 -7.96 1.23 -3.28
N ILE A 74 -6.63 1.40 -3.09
CA ILE A 74 -6.01 2.73 -3.19
C ILE A 74 -6.19 3.28 -4.60
N LYS A 75 -6.00 2.41 -5.63
CA LYS A 75 -6.21 2.84 -7.01
C LYS A 75 -7.64 3.33 -7.20
N SER A 76 -8.64 2.60 -6.68
CA SER A 76 -10.04 2.98 -6.83
C SER A 76 -10.34 4.31 -6.16
N LYS A 77 -9.74 4.55 -5.00
CA LYS A 77 -9.94 5.81 -4.28
C LYS A 77 -9.32 6.97 -5.04
N LEU A 78 -8.11 6.79 -5.64
CA LEU A 78 -7.52 7.85 -6.47
C LEU A 78 -8.41 8.12 -7.70
N GLU A 79 -8.92 7.07 -8.34
CA GLU A 79 -9.78 7.23 -9.52
C GLU A 79 -11.07 7.98 -9.20
N ALA A 80 -11.61 7.76 -7.98
CA ALA A 80 -12.85 8.41 -7.52
C ALA A 80 -12.57 9.79 -6.94
N ARG A 81 -11.29 10.22 -6.94
CA ARG A 81 -10.87 11.54 -6.40
C ARG A 81 -11.20 11.63 -4.89
N GLU A 82 -11.13 10.49 -4.18
CA GLU A 82 -11.43 10.47 -2.76
C GLU A 82 -10.33 11.12 -1.94
N TYR A 83 -9.08 11.00 -2.38
CA TYR A 83 -7.99 11.63 -1.62
C TYR A 83 -7.93 13.12 -1.96
N ARG A 84 -7.97 13.95 -0.92
CA ARG A 84 -7.96 15.39 -1.17
C ARG A 84 -6.57 15.95 -1.28
N ASP A 85 -5.57 15.18 -0.84
CA ASP A 85 -4.17 15.59 -0.94
C ASP A 85 -3.29 14.36 -0.72
N ALA A 86 -1.97 14.57 -0.84
CA ALA A 86 -1.02 13.46 -0.67
C ALA A 86 -1.01 12.84 0.70
N GLN A 87 -1.29 13.62 1.75
CA GLN A 87 -1.23 13.08 3.11
C GLN A 87 -2.21 11.93 3.32
N GLU A 88 -3.43 12.07 2.78
CA GLU A 88 -4.43 11.02 2.91
C GLU A 88 -4.04 9.75 2.14
N PHE A 89 -3.52 9.95 0.93
CA PHE A 89 -3.04 8.84 0.12
C PHE A 89 -1.92 8.11 0.86
N GLY A 90 -0.95 8.86 1.38
CA GLY A 90 0.17 8.26 2.10
C GLY A 90 -0.28 7.46 3.31
N ALA A 91 -1.31 7.97 4.01
CA ALA A 91 -1.83 7.29 5.20
C ALA A 91 -2.42 5.93 4.84
N ASP A 92 -3.09 5.80 3.69
CA ASP A 92 -3.61 4.50 3.25
C ASP A 92 -2.47 3.54 2.84
N VAL A 93 -1.44 4.04 2.14
CA VAL A 93 -0.34 3.18 1.74
C VAL A 93 0.34 2.65 3.03
N ARG A 94 0.63 3.53 3.98
CA ARG A 94 1.27 3.10 5.24
C ARG A 94 0.36 2.16 6.01
N LEU A 95 -0.99 2.38 5.98
CA LEU A 95 -1.93 1.47 6.67
C LEU A 95 -1.78 0.04 6.09
N MET A 96 -1.66 -0.06 4.77
CA MET A 96 -1.48 -1.34 4.11
C MET A 96 -0.23 -2.05 4.63
N PHE A 97 0.91 -1.33 4.72
CA PHE A 97 2.14 -1.94 5.23
C PHE A 97 1.97 -2.29 6.72
N SER A 98 1.41 -1.35 7.52
CA SER A 98 1.23 -1.58 8.96
C SER A 98 0.40 -2.82 9.25
N ASN A 99 -0.66 -3.06 8.45
CA ASN A 99 -1.46 -4.27 8.67
C ASN A 99 -0.58 -5.52 8.46
N CYS A 100 0.31 -5.49 7.47
CA CYS A 100 1.21 -6.60 7.21
C CYS A 100 2.16 -6.81 8.39
N TYR A 101 2.73 -5.72 8.93
CA TYR A 101 3.65 -5.80 10.07
C TYR A 101 2.95 -6.24 11.35
N LYS A 102 1.64 -5.91 11.49
CA LYS A 102 0.91 -6.27 12.69
C LYS A 102 0.52 -7.75 12.67
N TYR A 103 0.08 -8.22 11.50
CA TYR A 103 -0.47 -9.58 11.41
C TYR A 103 0.55 -10.71 11.38
N ASN A 104 1.64 -10.50 10.63
CA ASN A 104 2.62 -11.55 10.38
CA ASN A 104 2.62 -11.54 10.38
C ASN A 104 3.79 -11.58 11.36
N PRO A 105 4.45 -12.77 11.56
CA PRO A 105 5.65 -12.78 12.40
C PRO A 105 6.72 -11.89 11.74
N PRO A 106 7.59 -11.22 12.52
CA PRO A 106 8.56 -10.26 11.94
C PRO A 106 9.57 -10.84 10.93
N ASP A 107 9.81 -12.15 10.98
CA ASP A 107 10.74 -12.83 10.09
C ASP A 107 10.03 -13.53 8.92
N HIS A 108 8.70 -13.29 8.74
CA HIS A 108 7.95 -13.92 7.65
C HIS A 108 8.41 -13.29 6.32
N GLU A 109 8.43 -14.11 5.25
CA GLU A 109 8.82 -13.67 3.92
C GLU A 109 7.96 -12.48 3.46
N VAL A 110 6.65 -12.47 3.80
CA VAL A 110 5.78 -11.36 3.35
C VAL A 110 6.19 -10.02 4.00
N VAL A 111 6.75 -10.06 5.21
CA VAL A 111 7.19 -8.85 5.90
C VAL A 111 8.46 -8.32 5.20
N ALA A 112 9.37 -9.23 4.75
CA ALA A 112 10.53 -8.77 3.96
C ALA A 112 10.05 -8.13 2.63
N MET A 113 9.01 -8.70 2.01
CA MET A 113 8.47 -8.12 0.76
C MET A 113 7.88 -6.75 1.05
N ALA A 114 7.12 -6.62 2.14
CA ALA A 114 6.55 -5.33 2.52
C ALA A 114 7.63 -4.28 2.74
N ARG A 115 8.75 -4.63 3.41
CA ARG A 115 9.80 -3.62 3.66
C ARG A 115 10.40 -3.15 2.34
N LYS A 116 10.57 -4.07 1.36
CA LYS A 116 11.14 -3.69 0.07
C LYS A 116 10.19 -2.76 -0.68
N LEU A 117 8.88 -3.12 -0.72
CA LEU A 117 7.94 -2.25 -1.42
C LEU A 117 7.76 -0.92 -0.69
N GLN A 118 7.79 -0.94 0.66
CA GLN A 118 7.72 0.32 1.41
C GLN A 118 8.93 1.20 1.13
N ASP A 119 10.13 0.60 0.93
CA ASP A 119 11.29 1.42 0.60
C ASP A 119 11.09 2.10 -0.77
N VAL A 120 10.52 1.35 -1.75
CA VAL A 120 10.21 1.92 -3.07
C VAL A 120 9.28 3.13 -2.87
N PHE A 121 8.20 2.92 -2.08
CA PHE A 121 7.23 3.98 -1.84
C PHE A 121 7.85 5.17 -1.09
N GLU A 122 8.54 4.91 0.05
CA GLU A 122 9.02 6.05 0.84
C GLU A 122 10.06 6.91 0.12
N MET A 123 10.94 6.27 -0.65
CA MET A 123 11.96 7.07 -1.32
C MET A 123 11.37 8.00 -2.35
N ARG A 124 10.30 7.55 -3.03
CA ARG A 124 9.69 8.41 -4.03
C ARG A 124 8.69 9.38 -3.41
N PHE A 125 7.92 8.92 -2.39
CA PHE A 125 6.97 9.81 -1.72
C PHE A 125 7.69 10.99 -1.07
N ALA A 126 8.95 10.77 -0.65
CA ALA A 126 9.76 11.85 -0.06
C ALA A 126 10.01 13.01 -1.08
N LYS A 127 9.88 12.71 -2.39
CA LYS A 127 10.11 13.67 -3.46
C LYS A 127 8.82 14.42 -3.84
N MET A 128 7.76 14.29 -3.03
CA MET A 128 6.47 14.94 -3.29
C MET A 128 6.66 16.44 -3.55
N PRO A 129 6.04 17.01 -4.61
CA PRO A 129 6.06 18.48 -4.76
C PRO A 129 5.57 19.16 -3.48
N ASP A 130 6.29 20.21 -3.00
CA ASP A 130 5.92 20.82 -1.72
C ASP A 130 5.38 22.28 -1.82
N GLU A 131 5.12 22.74 -3.07
CA GLU A 131 4.52 24.04 -3.39
C GLU A 131 3.85 24.02 -4.76
C1 EO1 B . -0.10 -9.42 3.31
C1 EO1 B . -0.80 -10.75 4.85
C2 EO1 B . -0.51 -10.69 3.52
C2 EO1 B . -0.51 -10.69 3.53
C3 EO1 B . -0.57 -11.80 2.50
C4 EO1 B . 0.11 -13.02 2.68
C5 EO1 B . 1.21 -14.48 4.24
C6 EO1 B . 0.08 -14.01 1.70
C15 EO1 B . 2.40 -15.90 0.42
C17 EO1 B . 3.94 -14.14 -0.13
C18 EO1 B . 4.76 -14.50 0.94
C22 EO1 B . -1.29 -11.60 1.31
C23 EO1 B . -0.82 -10.76 4.92
C23 EO1 B . -0.09 -9.33 3.32
C24 EO1 B . -1.48 -11.85 5.68
C24 EO1 B . 0.27 -8.67 2.04
N6 EO1 B . -0.54 -9.62 5.50
N6 EO1 B . -0.08 -8.66 4.44
O1 EO1 B . -0.09 -8.75 4.49
O1 EO1 B . -0.53 -9.57 5.44
C EO1 B . 0.26 -8.65 2.11
C EO1 B . -1.46 -11.77 5.71
C8 EO1 B . -1.31 -12.59 0.33
N EO1 B . -1.98 -12.60 -0.88
C9 EO1 B . -1.76 -13.81 -1.50
N5 EO1 B . -2.32 -14.23 -2.65
C20 EO1 B . -2.01 -15.48 -3.01
C21 EO1 B . -2.59 -15.99 -4.28
N4 EO1 B . -1.22 -16.31 -2.31
C11 EO1 B . -0.65 -15.92 -1.16
C10 EO1 B . -0.91 -14.60 -0.67
C7 EO1 B . -0.62 -13.80 0.50
O EO1 B . 0.78 -13.17 3.86
N1 EO1 B . 0.21 -16.83 -0.53
C12 EO1 B . 1.27 -16.85 0.30
C16 EO1 B . 2.76 -14.82 -0.38
C19 EO1 B . 4.40 -15.55 1.78
C14 EO1 B . 3.22 -16.24 1.51
N3 EO1 B . 2.59 -17.36 2.05
N2 EO1 B . 1.45 -17.74 1.34
C13 EO1 B . 2.99 -18.07 3.26
#